data_3U2D
#
_entry.id   3U2D
#
_cell.length_a   143.487
_cell.length_b   55.646
_cell.length_c   51.103
_cell.angle_alpha   90.000
_cell.angle_beta   100.380
_cell.angle_gamma   90.000
#
_symmetry.space_group_name_H-M   'C 1 2 1'
#
loop_
_entity.id
_entity.type
_entity.pdbx_description
1 polymer 'DNA gyrase subunit B'
2 non-polymer 4-bromo-5-methyl-N-[1-(3-nitropyridin-2-yl)piperidin-4-yl]-1H-pyrrole-2-carboxamide
3 non-polymer 'MAGNESIUM ION'
4 water water
#
_entity_poly.entity_id   1
_entity_poly.type   'polypeptide(L)'
_entity_poly.pdbx_seq_one_letter_code
;MYGAGQIQVLEGLEAVRKRPGMYIGSTSERGLHHLVWEIVDNSIDEALAGYANQIEVVIEKDNWIKVTDNGRGIPVDIQE
KMGRPAVEVILTSSVVNALSQDLEVYVHRNETIYHQAYKKGVPQFDLKEVGTTDKTGTVIRFKADGEIFTETTVYNYETL
QQRIRELAFLNKGIQITLRDERDEENVREDSYHYEGGI
;
_entity_poly.pdbx_strand_id   A,B
#
loop_
_chem_comp.id
_chem_comp.type
_chem_comp.name
_chem_comp.formula
08B non-polymer 4-bromo-5-methyl-N-[1-(3-nitropyridin-2-yl)piperidin-4-yl]-1H-pyrrole-2-carboxamide 'C16 H18 Br N5 O3'
MG non-polymer 'MAGNESIUM ION' 'Mg 2'
#
# COMPACT_ATOMS: atom_id res chain seq x y z
N TYR A 2 -19.46 -0.51 -12.33
CA TYR A 2 -20.80 -1.06 -12.68
C TYR A 2 -21.77 0.05 -13.09
N GLY A 3 -21.77 1.15 -12.33
CA GLY A 3 -22.71 2.26 -12.54
C GLY A 3 -22.29 3.21 -13.65
N ALA A 4 -23.17 4.15 -13.98
CA ALA A 4 -22.93 5.13 -15.04
C ALA A 4 -21.60 5.87 -14.86
N GLY A 5 -21.19 6.03 -13.59
CA GLY A 5 -19.92 6.66 -13.25
C GLY A 5 -18.69 5.92 -13.73
N GLN A 6 -18.57 4.64 -13.35
CA GLN A 6 -17.41 3.83 -13.72
C GLN A 6 -17.35 3.65 -15.23
N ILE A 7 -18.52 3.56 -15.86
CA ILE A 7 -18.63 3.41 -17.30
C ILE A 7 -18.01 4.58 -18.04
N GLN A 8 -18.32 5.81 -17.61
CA GLN A 8 -17.73 7.00 -18.23
C GLN A 8 -16.22 7.09 -17.98
N VAL A 9 -15.76 6.66 -16.80
CA VAL A 9 -14.31 6.70 -16.50
C VAL A 9 -13.56 5.78 -17.46
N LEU A 10 -14.09 4.57 -17.66
CA LEU A 10 -13.45 3.58 -18.52
C LEU A 10 -13.47 4.02 -19.98
N GLU A 11 -14.58 4.61 -20.42
CA GLU A 11 -14.68 5.17 -21.78
C GLU A 11 -13.69 6.32 -21.95
N GLY A 12 -13.51 7.11 -20.90
CA GLY A 12 -12.54 8.21 -20.90
C GLY A 12 -11.11 7.73 -21.06
N LEU A 13 -10.76 6.64 -20.36
CA LEU A 13 -9.41 6.07 -20.48
C LEU A 13 -9.17 5.55 -21.89
N GLU A 14 -10.14 4.82 -22.43
CA GLU A 14 -10.07 4.31 -23.80
C GLU A 14 -9.82 5.44 -24.80
N ALA A 15 -10.50 6.56 -24.63
CA ALA A 15 -10.39 7.69 -25.57
C ALA A 15 -9.01 8.34 -25.52
N VAL A 16 -8.44 8.48 -24.33
CA VAL A 16 -7.12 9.10 -24.20
C VAL A 16 -6.04 8.20 -24.81
N ARG A 17 -6.15 6.90 -24.58
CA ARG A 17 -5.16 5.96 -25.10
C ARG A 17 -5.30 5.72 -26.60
N LYS A 18 -6.48 5.98 -27.16
CA LYS A 18 -6.72 5.86 -28.59
C LYS A 18 -6.11 7.04 -29.37
N ARG A 19 -6.15 8.25 -28.81
CA ARG A 19 -5.60 9.44 -29.47
C ARG A 19 -4.77 10.31 -28.53
N PRO A 20 -3.68 9.75 -27.98
CA PRO A 20 -2.88 10.45 -26.98
C PRO A 20 -2.41 11.85 -27.41
N GLY A 21 -2.04 11.99 -28.68
CA GLY A 21 -1.50 13.24 -29.21
C GLY A 21 -2.47 14.42 -29.20
N MET A 22 -3.77 14.14 -29.20
CA MET A 22 -4.79 15.21 -29.10
C MET A 22 -4.88 15.75 -27.67
N TYR A 23 -4.41 14.97 -26.70
CA TYR A 23 -4.41 15.39 -25.29
C TYR A 23 -3.09 16.03 -24.88
N ILE A 24 -1.97 15.46 -25.33
CA ILE A 24 -0.64 15.93 -24.90
C ILE A 24 0.27 16.45 -26.00
N GLY A 25 -0.25 16.60 -27.23
CA GLY A 25 0.49 17.20 -28.34
C GLY A 25 1.14 16.19 -29.28
N SER A 26 1.83 15.22 -28.70
CA SER A 26 2.48 14.15 -29.46
C SER A 26 2.89 13.04 -28.49
N THR A 27 3.38 11.93 -29.03
CA THR A 27 3.91 10.85 -28.21
C THR A 27 5.44 10.74 -28.37
N SER A 28 6.04 11.80 -28.92
CA SER A 28 7.49 11.93 -29.02
C SER A 28 8.11 12.23 -27.66
N GLU A 29 9.41 12.51 -27.65
CA GLU A 29 10.11 12.97 -26.45
C GLU A 29 9.47 14.23 -25.83
N ARG A 30 8.94 15.11 -26.67
CA ARG A 30 8.19 16.29 -26.19
C ARG A 30 6.97 15.87 -25.37
N GLY A 31 6.19 14.93 -25.89
CA GLY A 31 5.00 14.45 -25.20
C GLY A 31 5.32 13.77 -23.89
N LEU A 32 6.37 12.95 -23.88
CA LEU A 32 6.88 12.34 -22.65
C LEU A 32 7.13 13.37 -21.56
N HIS A 33 7.82 14.45 -21.91
CA HIS A 33 8.12 15.50 -20.93
C HIS A 33 6.87 16.28 -20.50
N HIS A 34 5.88 16.39 -21.40
CA HIS A 34 4.60 17.04 -21.08
C HIS A 34 3.89 16.38 -19.88
N LEU A 35 4.06 15.07 -19.74
CA LEU A 35 3.46 14.33 -18.61
C LEU A 35 3.90 14.92 -17.27
N VAL A 36 5.17 15.27 -17.18
CA VAL A 36 5.71 15.90 -15.98
C VAL A 36 5.02 17.24 -15.74
N TRP A 37 4.87 18.05 -16.79
CA TRP A 37 4.28 19.38 -16.63
C TRP A 37 2.82 19.34 -16.27
N GLU A 38 2.10 18.32 -16.74
CA GLU A 38 0.71 18.14 -16.34
C GLU A 38 0.59 17.90 -14.84
N ILE A 39 1.44 17.05 -14.27
CA ILE A 39 1.43 16.82 -12.82
C ILE A 39 1.89 18.06 -12.05
N VAL A 40 3.04 18.60 -12.45
CA VAL A 40 3.63 19.75 -11.75
C VAL A 40 2.70 20.98 -11.75
N ASP A 41 1.97 21.19 -12.84
CA ASP A 41 1.02 22.32 -12.92
C ASP A 41 -0.06 22.27 -11.83
N ASN A 42 -0.45 21.07 -11.41
CA ASN A 42 -1.38 20.90 -10.28
C ASN A 42 -0.79 21.44 -8.97
N SER A 43 0.48 21.13 -8.71
CA SER A 43 1.17 21.61 -7.52
C SER A 43 1.37 23.12 -7.55
N ILE A 44 1.70 23.67 -8.73
CA ILE A 44 1.82 25.12 -8.90
C ILE A 44 0.50 25.83 -8.56
N ASP A 45 -0.61 25.32 -9.10
CA ASP A 45 -1.94 25.91 -8.81
C ASP A 45 -2.25 25.89 -7.32
N GLU A 46 -1.90 24.80 -6.66
CA GLU A 46 -2.13 24.65 -5.22
C GLU A 46 -1.27 25.64 -4.40
N ALA A 47 -0.09 25.94 -4.90
CA ALA A 47 0.77 26.98 -4.31
C ALA A 47 0.20 28.37 -4.54
N LEU A 48 -0.22 28.65 -5.77
CA LEU A 48 -0.82 29.95 -6.09
C LEU A 48 -2.12 30.17 -5.32
N ALA A 49 -2.85 29.08 -5.04
CA ALA A 49 -4.06 29.14 -4.23
C ALA A 49 -3.77 29.50 -2.77
N GLY A 50 -2.51 29.36 -2.37
CA GLY A 50 -2.03 29.76 -1.04
C GLY A 50 -1.83 28.60 -0.08
N TYR A 51 -1.70 27.38 -0.59
CA TYR A 51 -1.67 26.17 0.26
C TYR A 51 -0.42 25.30 0.13
N ALA A 52 0.51 25.70 -0.72
CA ALA A 52 1.76 24.95 -0.92
C ALA A 52 2.89 25.93 -1.25
N ASN A 53 4.13 25.50 -0.98
CA ASN A 53 5.29 26.29 -1.34
C ASN A 53 6.56 25.49 -1.66
N GLN A 54 6.44 24.16 -1.72
CA GLN A 54 7.56 23.29 -2.06
C GLN A 54 7.12 22.23 -3.05
N ILE A 55 7.91 22.06 -4.11
CA ILE A 55 7.64 21.04 -5.12
C ILE A 55 8.95 20.32 -5.42
N GLU A 56 8.89 19.00 -5.45
CA GLU A 56 10.06 18.19 -5.75
C GLU A 56 9.74 17.25 -6.90
N VAL A 57 10.58 17.29 -7.93
CA VAL A 57 10.49 16.37 -9.06
C VAL A 57 11.73 15.49 -9.06
N VAL A 58 11.53 14.17 -9.01
CA VAL A 58 12.64 13.23 -9.00
C VAL A 58 12.54 12.30 -10.21
N ILE A 59 13.64 12.18 -10.94
CA ILE A 59 13.77 11.15 -11.96
C ILE A 59 14.35 9.95 -11.25
N GLU A 60 13.52 8.93 -11.04
CA GLU A 60 13.92 7.74 -10.31
C GLU A 60 14.41 6.67 -11.28
N LYS A 61 15.00 5.62 -10.70
CA LYS A 61 15.45 4.44 -11.44
C LYS A 61 14.40 3.98 -12.47
N ASP A 62 14.88 3.56 -13.64
N ASP A 62 14.89 3.58 -13.64
CA ASP A 62 14.02 3.12 -14.76
CA ASP A 62 14.06 3.13 -14.77
C ASP A 62 13.08 4.21 -15.28
C ASP A 62 13.09 4.21 -15.28
N ASN A 63 13.46 5.47 -15.09
CA ASN A 63 12.68 6.61 -15.56
C ASN A 63 11.23 6.65 -15.07
N TRP A 64 11.06 6.30 -13.80
CA TRP A 64 9.87 6.72 -13.06
C TRP A 64 10.05 8.19 -12.77
N ILE A 65 8.94 8.89 -12.62
CA ILE A 65 8.94 10.27 -12.17
C ILE A 65 8.16 10.34 -10.87
N LYS A 66 8.70 11.04 -9.88
CA LYS A 66 7.99 11.28 -8.62
C LYS A 66 7.83 12.79 -8.44
N VAL A 67 6.60 13.24 -8.23
CA VAL A 67 6.32 14.65 -7.94
C VAL A 67 5.71 14.73 -6.54
N THR A 68 6.31 15.55 -5.68
CA THR A 68 5.84 15.73 -4.32
C THR A 68 5.61 17.21 -4.04
N ASP A 69 4.44 17.53 -3.46
CA ASP A 69 4.19 18.89 -2.97
C ASP A 69 3.75 18.87 -1.51
N ASN A 70 3.75 20.04 -0.89
CA ASN A 70 3.31 20.18 0.50
C ASN A 70 1.99 20.96 0.57
N GLY A 71 1.12 20.72 -0.41
CA GLY A 71 -0.20 21.31 -0.44
C GLY A 71 -1.14 20.60 0.51
N ARG A 72 -2.44 20.75 0.30
CA ARG A 72 -3.44 20.18 1.23
C ARG A 72 -3.58 18.67 1.10
N GLY A 73 -3.15 18.12 -0.03
CA GLY A 73 -3.37 16.71 -0.36
C GLY A 73 -4.70 16.55 -1.09
N ILE A 74 -4.70 15.75 -2.14
CA ILE A 74 -5.94 15.52 -2.90
C ILE A 74 -6.94 14.85 -1.95
N PRO A 75 -8.18 15.38 -1.88
CA PRO A 75 -9.15 14.85 -0.92
C PRO A 75 -9.49 13.37 -1.13
N VAL A 76 -9.85 12.69 -0.05
CA VAL A 76 -10.16 11.26 -0.09
C VAL A 76 -11.62 10.97 0.28
N ASP A 77 -12.41 12.02 0.53
CA ASP A 77 -13.80 11.84 0.94
C ASP A 77 -14.62 11.19 -0.18
N ILE A 78 -15.63 10.42 0.22
CA ILE A 78 -16.46 9.70 -0.73
C ILE A 78 -17.37 10.67 -1.45
N GLN A 79 -17.23 10.67 -2.77
CA GLN A 79 -17.84 11.68 -3.62
C GLN A 79 -19.32 11.38 -3.90
N GLU A 80 -20.09 12.44 -4.13
CA GLU A 80 -21.51 12.29 -4.47
C GLU A 80 -21.69 11.63 -5.84
N LYS A 81 -21.05 12.18 -6.86
CA LYS A 81 -21.22 11.70 -8.23
C LYS A 81 -20.88 10.21 -8.37
N MET A 82 -19.65 9.86 -8.00
CA MET A 82 -19.10 8.52 -8.27
C MET A 82 -19.29 7.50 -7.13
N GLY A 83 -19.50 7.98 -5.90
CA GLY A 83 -19.52 7.10 -4.74
C GLY A 83 -18.15 6.48 -4.48
N ARG A 84 -17.10 7.19 -4.86
CA ARG A 84 -15.71 6.74 -4.72
C ARG A 84 -14.90 7.87 -4.11
N PRO A 85 -13.72 7.56 -3.55
CA PRO A 85 -12.88 8.63 -3.02
C PRO A 85 -12.57 9.68 -4.09
N ALA A 86 -12.59 10.95 -3.70
CA ALA A 86 -12.31 12.05 -4.63
C ALA A 86 -11.02 11.84 -5.41
N VAL A 87 -9.97 11.42 -4.71
CA VAL A 87 -8.66 11.21 -5.33
C VAL A 87 -8.73 10.18 -6.46
N GLU A 88 -9.49 9.12 -6.26
CA GLU A 88 -9.65 8.10 -7.29
C GLU A 88 -10.33 8.68 -8.54
N VAL A 89 -11.37 9.48 -8.33
CA VAL A 89 -12.12 10.08 -9.43
C VAL A 89 -11.22 11.01 -10.24
N ILE A 90 -10.44 11.84 -9.54
CA ILE A 90 -9.54 12.82 -10.18
C ILE A 90 -8.42 12.14 -10.97
N LEU A 91 -7.82 11.10 -10.40
CA LEU A 91 -6.71 10.42 -11.07
C LEU A 91 -7.17 9.48 -12.18
N THR A 92 -8.34 8.86 -12.05
CA THR A 92 -8.87 8.04 -13.14
C THR A 92 -9.32 8.86 -14.37
N SER A 93 -9.41 10.18 -14.21
CA SER A 93 -9.65 11.09 -15.34
C SER A 93 -8.37 11.82 -15.79
N SER A 94 -7.23 11.49 -15.18
CA SER A 94 -5.95 12.12 -15.52
C SER A 94 -5.35 11.52 -16.79
N VAL A 95 -4.99 12.39 -17.73
N VAL A 95 -4.97 12.39 -17.72
CA VAL A 95 -4.32 11.95 -18.96
CA VAL A 95 -4.31 11.96 -18.95
C VAL A 95 -2.97 11.29 -18.64
C VAL A 95 -2.96 11.31 -18.65
N VAL A 96 -2.27 11.80 -17.63
CA VAL A 96 -0.98 11.23 -17.23
C VAL A 96 -1.17 9.78 -16.76
N ASN A 97 -2.21 9.57 -15.95
CA ASN A 97 -2.54 8.24 -15.48
C ASN A 97 -2.87 7.28 -16.62
N ALA A 98 -3.74 7.73 -17.52
CA ALA A 98 -4.16 6.91 -18.68
C ALA A 98 -2.98 6.49 -19.57
N LEU A 99 -1.98 7.36 -19.67
CA LEU A 99 -0.81 7.13 -20.52
C LEU A 99 0.43 6.63 -19.77
N SER A 100 0.22 6.18 -18.53
CA SER A 100 1.27 5.59 -17.73
C SER A 100 1.00 4.10 -17.56
N GLN A 101 2.02 3.28 -17.74
CA GLN A 101 1.90 1.84 -17.48
C GLN A 101 1.60 1.56 -16.00
N ASP A 102 2.16 2.42 -15.14
CA ASP A 102 1.91 2.37 -13.69
C ASP A 102 1.88 3.80 -13.14
N LEU A 103 1.00 4.04 -12.18
CA LEU A 103 0.99 5.30 -11.45
C LEU A 103 0.61 5.02 -10.01
N GLU A 104 1.24 5.73 -9.09
CA GLU A 104 0.96 5.61 -7.66
C GLU A 104 0.68 6.99 -7.07
N VAL A 105 -0.25 7.04 -6.13
CA VAL A 105 -0.47 8.25 -5.35
C VAL A 105 -0.33 7.93 -3.87
N TYR A 106 0.31 8.84 -3.14
CA TYR A 106 0.28 8.87 -1.69
C TYR A 106 -0.21 10.24 -1.27
N VAL A 107 -1.36 10.29 -0.61
CA VAL A 107 -1.90 11.54 -0.08
C VAL A 107 -1.62 11.62 1.41
N HIS A 108 -1.05 12.74 1.84
CA HIS A 108 -0.86 13.04 3.25
C HIS A 108 -1.94 14.04 3.66
N ARG A 109 -2.89 13.60 4.48
CA ARG A 109 -4.07 14.39 4.79
C ARG A 109 -4.78 13.76 6.01
N ASN A 110 -5.42 14.59 6.83
CA ASN A 110 -6.09 14.11 8.05
C ASN A 110 -5.15 13.26 8.92
N GLU A 111 -3.87 13.65 8.97
CA GLU A 111 -2.82 12.94 9.73
C GLU A 111 -2.66 11.47 9.32
N THR A 112 -3.04 11.17 8.09
CA THR A 112 -3.07 9.82 7.56
C THR A 112 -2.40 9.83 6.19
N ILE A 113 -1.75 8.72 5.85
CA ILE A 113 -1.21 8.51 4.50
C ILE A 113 -2.10 7.52 3.75
N TYR A 114 -2.68 7.97 2.65
CA TYR A 114 -3.55 7.14 1.83
C TYR A 114 -2.82 6.78 0.54
N HIS A 115 -3.02 5.55 0.07
CA HIS A 115 -2.31 5.05 -1.11
C HIS A 115 -3.24 4.36 -2.09
N GLN A 116 -3.06 4.66 -3.37
CA GLN A 116 -3.71 3.90 -4.45
C GLN A 116 -2.76 3.77 -5.63
N ALA A 117 -2.87 2.67 -6.35
CA ALA A 117 -2.06 2.45 -7.55
C ALA A 117 -2.98 2.14 -8.74
N TYR A 118 -2.46 2.43 -9.93
CA TYR A 118 -3.21 2.32 -11.17
C TYR A 118 -2.29 1.73 -12.25
N LYS A 119 -2.90 1.12 -13.25
CA LYS A 119 -2.20 0.73 -14.48
C LYS A 119 -3.04 1.17 -15.66
N LYS A 120 -2.44 1.98 -16.54
CA LYS A 120 -3.14 2.61 -17.66
C LYS A 120 -4.44 3.27 -17.20
N GLY A 121 -4.40 3.88 -16.01
CA GLY A 121 -5.55 4.58 -15.46
C GLY A 121 -6.52 3.75 -14.62
N VAL A 122 -6.37 2.41 -14.67
CA VAL A 122 -7.29 1.54 -13.95
C VAL A 122 -6.79 1.31 -12.52
N PRO A 123 -7.62 1.61 -11.51
CA PRO A 123 -7.22 1.33 -10.13
C PRO A 123 -6.97 -0.15 -9.88
N GLN A 124 -5.88 -0.46 -9.17
CA GLN A 124 -5.48 -1.83 -8.91
C GLN A 124 -6.02 -2.35 -7.58
N PHE A 125 -6.46 -1.42 -6.73
CA PHE A 125 -7.11 -1.74 -5.46
C PHE A 125 -7.79 -0.47 -4.94
N ASP A 126 -8.67 -0.62 -3.95
CA ASP A 126 -9.32 0.54 -3.33
C ASP A 126 -8.29 1.38 -2.58
N LEU A 127 -8.51 2.69 -2.54
CA LEU A 127 -7.67 3.57 -1.73
C LEU A 127 -7.50 2.98 -0.32
N LYS A 128 -6.24 2.90 0.13
CA LYS A 128 -5.88 2.22 1.38
C LYS A 128 -5.10 3.15 2.30
N GLU A 129 -5.46 3.17 3.59
CA GLU A 129 -4.64 3.84 4.60
C GLU A 129 -3.41 2.98 4.87
N VAL A 130 -2.22 3.56 4.77
CA VAL A 130 -0.99 2.78 4.94
C VAL A 130 -0.13 3.23 6.12
N GLY A 131 -0.46 4.38 6.70
CA GLY A 131 0.32 4.91 7.80
C GLY A 131 -0.19 6.26 8.25
N THR A 132 0.61 6.95 9.07
CA THR A 132 0.23 8.25 9.62
C THR A 132 1.28 9.29 9.25
N THR A 133 0.93 10.56 9.48
CA THR A 133 1.80 11.68 9.09
C THR A 133 1.40 12.92 9.87
N ASP A 134 2.33 13.86 9.94
CA ASP A 134 2.06 15.17 10.56
C ASP A 134 2.18 16.29 9.53
N LYS A 135 2.28 15.94 8.25
CA LYS A 135 2.31 16.90 7.16
C LYS A 135 1.15 16.65 6.22
N THR A 136 0.90 17.61 5.35
CA THR A 136 -0.07 17.41 4.28
C THR A 136 0.66 17.53 2.95
N GLY A 137 0.10 16.89 1.93
CA GLY A 137 0.69 16.95 0.59
C GLY A 137 0.29 15.80 -0.27
N THR A 138 0.74 15.86 -1.52
CA THR A 138 0.46 14.84 -2.52
C THR A 138 1.77 14.38 -3.13
N VAL A 139 1.92 13.06 -3.22
CA VAL A 139 3.03 12.42 -3.92
C VAL A 139 2.44 11.65 -5.08
N ILE A 140 2.97 11.89 -6.27
CA ILE A 140 2.60 11.12 -7.47
C ILE A 140 3.85 10.48 -8.06
N ARG A 141 3.83 9.15 -8.22
CA ARG A 141 4.90 8.44 -8.95
C ARG A 141 4.31 7.81 -10.19
N PHE A 142 4.91 8.02 -11.36
CA PHE A 142 4.41 7.39 -12.58
C PHE A 142 5.52 6.92 -13.52
N LYS A 143 5.20 5.90 -14.29
CA LYS A 143 6.09 5.32 -15.27
C LYS A 143 5.36 5.38 -16.62
N ALA A 144 5.91 6.16 -17.55
CA ALA A 144 5.26 6.39 -18.85
C ALA A 144 5.08 5.09 -19.61
N ASP A 145 3.94 4.96 -20.29
CA ASP A 145 3.62 3.74 -21.01
C ASP A 145 4.40 3.68 -22.32
N GLY A 146 5.33 2.73 -22.41
CA GLY A 146 6.07 2.46 -23.65
C GLY A 146 5.24 2.13 -24.88
N GLU A 147 4.04 1.60 -24.68
N GLU A 147 4.04 1.61 -24.66
CA GLU A 147 3.09 1.34 -25.77
CA GLU A 147 3.09 1.34 -25.75
C GLU A 147 2.61 2.64 -26.40
C GLU A 147 2.56 2.63 -26.38
N ILE A 148 2.54 3.70 -25.59
CA ILE A 148 2.16 5.03 -26.07
C ILE A 148 3.40 5.78 -26.57
N PHE A 149 4.41 5.88 -25.72
CA PHE A 149 5.63 6.63 -26.03
C PHE A 149 6.65 5.70 -26.66
N THR A 150 6.42 5.39 -27.93
CA THR A 150 7.15 4.34 -28.63
C THR A 150 8.58 4.72 -29.04
N GLU A 151 8.83 6.02 -29.22
N GLU A 151 8.84 6.02 -29.21
CA GLU A 151 10.17 6.51 -29.58
CA GLU A 151 10.19 6.47 -29.58
C GLU A 151 11.12 6.40 -28.38
C GLU A 151 11.14 6.41 -28.38
N THR A 152 10.73 7.00 -27.26
CA THR A 152 11.55 6.99 -26.05
C THR A 152 10.75 7.23 -24.78
N THR A 153 11.17 6.58 -23.70
CA THR A 153 10.64 6.80 -22.36
C THR A 153 11.73 7.30 -21.40
N VAL A 154 12.84 7.80 -21.95
CA VAL A 154 13.97 8.30 -21.17
C VAL A 154 13.94 9.82 -21.06
N TYR A 155 13.94 10.33 -19.84
CA TYR A 155 13.87 11.78 -19.63
C TYR A 155 15.24 12.45 -19.84
N ASN A 156 15.20 13.72 -20.23
CA ASN A 156 16.39 14.54 -20.43
C ASN A 156 16.47 15.53 -19.27
N TYR A 157 17.49 15.40 -18.44
CA TYR A 157 17.63 16.26 -17.25
C TYR A 157 17.60 17.75 -17.61
N GLU A 158 18.32 18.13 -18.66
CA GLU A 158 18.41 19.54 -19.07
C GLU A 158 17.05 20.08 -19.49
N THR A 159 16.24 19.24 -20.14
CA THR A 159 14.90 19.64 -20.55
C THR A 159 14.02 19.96 -19.33
N LEU A 160 14.00 19.05 -18.36
CA LEU A 160 13.24 19.26 -17.12
C LEU A 160 13.78 20.47 -16.36
N GLN A 161 15.10 20.56 -16.27
CA GLN A 161 15.79 21.61 -15.54
C GLN A 161 15.43 23.01 -16.06
N GLN A 162 15.51 23.21 -17.38
CA GLN A 162 15.22 24.50 -17.99
C GLN A 162 13.82 24.99 -17.62
N ARG A 163 12.83 24.12 -17.75
CA ARG A 163 11.44 24.51 -17.47
C ARG A 163 11.17 24.64 -15.96
N ILE A 164 11.78 23.78 -15.15
CA ILE A 164 11.63 23.84 -13.71
C ILE A 164 12.17 25.17 -13.16
N ARG A 165 13.35 25.56 -13.67
CA ARG A 165 13.93 26.86 -13.33
C ARG A 165 13.02 28.02 -13.74
N GLU A 166 12.49 27.94 -14.94
CA GLU A 166 11.54 28.94 -15.44
C GLU A 166 10.28 29.04 -14.56
N LEU A 167 9.73 27.90 -14.20
CA LEU A 167 8.54 27.87 -13.34
C LEU A 167 8.80 28.58 -12.00
N ALA A 168 9.96 28.30 -11.41
CA ALA A 168 10.36 28.94 -10.16
C ALA A 168 10.54 30.45 -10.34
N PHE A 169 11.14 30.84 -11.46
CA PHE A 169 11.31 32.26 -11.78
C PHE A 169 9.97 32.96 -11.98
N LEU A 170 9.03 32.28 -12.64
CA LEU A 170 7.72 32.87 -12.94
C LEU A 170 6.77 32.84 -11.74
N ASN A 171 6.98 31.89 -10.83
CA ASN A 171 6.14 31.77 -9.64
C ASN A 171 7.03 31.92 -8.39
N LYS A 172 7.43 33.17 -8.15
CA LYS A 172 8.38 33.49 -7.09
C LYS A 172 7.85 33.07 -5.71
N GLY A 173 8.74 32.54 -4.88
CA GLY A 173 8.35 32.04 -3.56
C GLY A 173 8.20 30.53 -3.49
N ILE A 174 7.91 29.87 -4.62
CA ILE A 174 7.81 28.41 -4.61
C ILE A 174 9.20 27.81 -4.74
N GLN A 175 9.55 26.92 -3.82
CA GLN A 175 10.81 26.18 -3.91
C GLN A 175 10.55 24.98 -4.79
N ILE A 176 11.25 24.90 -5.92
CA ILE A 176 11.11 23.78 -6.85
C ILE A 176 12.45 23.08 -6.99
N THR A 177 12.48 21.78 -6.68
CA THR A 177 13.71 21.01 -6.69
C THR A 177 13.61 19.88 -7.71
N LEU A 178 14.69 19.70 -8.48
CA LEU A 178 14.80 18.60 -9.44
C LEU A 178 15.97 17.73 -9.03
N ARG A 179 15.76 16.42 -9.01
CA ARG A 179 16.84 15.50 -8.66
C ARG A 179 16.81 14.31 -9.58
N ASP A 180 17.99 13.88 -10.05
CA ASP A 180 18.12 12.71 -10.91
C ASP A 180 18.80 11.57 -10.15
N GLU A 181 18.01 10.56 -9.78
CA GLU A 181 18.49 9.41 -9.00
C GLU A 181 18.67 8.15 -9.85
N ARG A 182 18.60 8.28 -11.18
CA ARG A 182 18.69 7.11 -12.07
C ARG A 182 20.01 6.34 -11.93
N ASP A 183 21.10 7.07 -11.69
CA ASP A 183 22.40 6.49 -11.35
C ASP A 183 22.69 6.82 -9.89
N GLU A 184 22.51 5.84 -9.02
CA GLU A 184 22.69 6.03 -7.57
C GLU A 184 24.11 6.43 -7.17
N GLU A 185 25.08 6.11 -8.02
CA GLU A 185 26.48 6.45 -7.75
C GLU A 185 26.81 7.90 -8.09
N ASN A 186 25.92 8.56 -8.81
CA ASN A 186 26.12 9.94 -9.27
C ASN A 186 24.78 10.66 -9.35
N VAL A 187 24.41 11.31 -8.25
CA VAL A 187 23.10 11.95 -8.15
C VAL A 187 23.24 13.46 -8.28
N ARG A 188 22.42 14.02 -9.17
CA ARG A 188 22.44 15.44 -9.50
C ARG A 188 21.18 16.08 -8.93
N GLU A 189 21.30 17.28 -8.39
CA GLU A 189 20.15 18.01 -7.87
C GLU A 189 20.31 19.51 -8.10
N ASP A 190 19.24 20.14 -8.57
CA ASP A 190 19.18 21.60 -8.71
C ASP A 190 17.93 22.09 -7.98
N SER A 191 18.10 23.09 -7.12
CA SER A 191 16.99 23.64 -6.34
C SER A 191 16.81 25.14 -6.58
N TYR A 192 15.59 25.51 -6.96
CA TYR A 192 15.27 26.88 -7.35
C TYR A 192 14.27 27.48 -6.39
N HIS A 193 14.51 28.72 -6.01
CA HIS A 193 13.68 29.39 -5.02
C HIS A 193 13.91 30.88 -5.15
N TYR A 194 13.11 31.52 -6.00
CA TYR A 194 13.25 32.95 -6.27
C TYR A 194 12.48 33.79 -5.24
N GLU A 195 13.11 34.86 -4.77
CA GLU A 195 12.49 35.73 -3.78
C GLU A 195 12.43 37.17 -4.29
N GLN B 8 -21.66 -23.35 2.62
CA GLN B 8 -21.25 -22.18 1.80
C GLN B 8 -19.92 -21.59 2.26
N VAL B 9 -19.72 -21.55 3.58
CA VAL B 9 -18.43 -21.12 4.12
C VAL B 9 -17.31 -22.04 3.62
N LEU B 10 -17.56 -23.34 3.68
CA LEU B 10 -16.60 -24.34 3.20
C LEU B 10 -16.34 -24.23 1.70
N GLU B 11 -17.36 -23.87 0.94
CA GLU B 11 -17.22 -23.64 -0.50
C GLU B 11 -16.37 -22.41 -0.80
N GLY B 12 -16.45 -21.40 0.07
CA GLY B 12 -15.63 -20.20 -0.06
C GLY B 12 -14.15 -20.48 0.16
N LEU B 13 -13.86 -21.34 1.14
CA LEU B 13 -12.48 -21.76 1.43
C LEU B 13 -11.88 -22.52 0.26
N GLU B 14 -12.62 -23.50 -0.26
CA GLU B 14 -12.18 -24.32 -1.38
C GLU B 14 -11.88 -23.48 -2.63
N ALA B 15 -12.74 -22.50 -2.89
CA ALA B 15 -12.55 -21.59 -4.03
C ALA B 15 -11.26 -20.78 -3.92
N VAL B 16 -10.99 -20.25 -2.72
CA VAL B 16 -9.76 -19.49 -2.47
C VAL B 16 -8.52 -20.35 -2.70
N ARG B 17 -8.57 -21.60 -2.25
CA ARG B 17 -7.46 -22.54 -2.40
C ARG B 17 -7.22 -22.96 -3.85
N LYS B 18 -8.23 -22.83 -4.70
CA LYS B 18 -8.11 -23.09 -6.15
C LYS B 18 -7.42 -21.94 -6.90
N ARG B 19 -7.51 -20.72 -6.36
CA ARG B 19 -6.97 -19.54 -7.05
C ARG B 19 -6.19 -18.61 -6.11
N PRO B 20 -5.21 -19.15 -5.37
CA PRO B 20 -4.46 -18.34 -4.39
C PRO B 20 -3.82 -17.10 -4.99
N GLY B 21 -3.30 -17.23 -6.22
CA GLY B 21 -2.63 -16.12 -6.91
C GLY B 21 -3.46 -14.86 -7.09
N MET B 22 -4.77 -15.03 -7.19
CA MET B 22 -5.69 -13.89 -7.31
C MET B 22 -5.73 -13.03 -6.03
N TYR B 23 -5.41 -13.63 -4.87
CA TYR B 23 -5.45 -12.93 -3.58
C TYR B 23 -4.07 -12.53 -3.06
N ILE B 24 -3.07 -13.38 -3.30
CA ILE B 24 -1.72 -13.15 -2.79
C ILE B 24 -0.64 -12.98 -3.87
N GLY B 25 -1.05 -13.04 -5.14
CA GLY B 25 -0.14 -12.78 -6.27
C GLY B 25 0.47 -14.02 -6.90
N SER B 26 0.96 -14.92 -6.05
CA SER B 26 1.61 -16.14 -6.51
C SER B 26 1.69 -17.14 -5.35
N THR B 27 1.99 -18.39 -5.66
CA THR B 27 2.27 -19.39 -4.62
C THR B 27 3.77 -19.63 -4.45
N SER B 28 4.59 -18.72 -4.99
CA SER B 28 6.04 -18.78 -4.87
C SER B 28 6.46 -18.20 -3.51
N GLU B 29 7.76 -17.93 -3.33
CA GLU B 29 8.28 -17.33 -2.11
C GLU B 29 7.65 -15.95 -1.84
N ARG B 30 7.40 -15.20 -2.91
CA ARG B 30 6.74 -13.90 -2.82
C ARG B 30 5.38 -14.04 -2.14
N GLY B 31 4.61 -15.03 -2.57
CA GLY B 31 3.29 -15.32 -1.99
C GLY B 31 3.30 -15.81 -0.56
N LEU B 32 4.30 -16.61 -0.22
CA LEU B 32 4.47 -17.08 1.16
C LEU B 32 4.58 -15.90 2.12
N HIS B 33 5.42 -14.95 1.77
CA HIS B 33 5.63 -13.76 2.59
C HIS B 33 4.41 -12.83 2.61
N HIS B 34 3.64 -12.84 1.53
CA HIS B 34 2.41 -12.04 1.45
C HIS B 34 1.39 -12.45 2.52
N LEU B 35 1.42 -13.71 2.95
CA LEU B 35 0.56 -14.18 4.05
C LEU B 35 0.83 -13.39 5.34
N VAL B 36 2.11 -13.18 5.63
CA VAL B 36 2.50 -12.38 6.78
C VAL B 36 1.95 -10.96 6.64
N TRP B 37 2.08 -10.38 5.45
CA TRP B 37 1.63 -8.99 5.27
C TRP B 37 0.12 -8.84 5.38
N GLU B 38 -0.64 -9.86 5.00
CA GLU B 38 -2.08 -9.82 5.14
C GLU B 38 -2.47 -9.78 6.62
N ILE B 39 -1.82 -10.60 7.46
CA ILE B 39 -2.12 -10.60 8.88
C ILE B 39 -1.63 -9.31 9.55
N VAL B 40 -0.39 -8.91 9.25
CA VAL B 40 0.19 -7.68 9.81
C VAL B 40 -0.66 -6.45 9.44
N ASP B 41 -1.16 -6.43 8.20
N ASP B 41 -1.15 -6.42 8.20
CA ASP B 41 -2.01 -5.32 7.75
CA ASP B 41 -2.03 -5.34 7.73
C ASP B 41 -3.22 -5.11 8.67
C ASP B 41 -3.22 -5.11 8.67
N ASN B 42 -3.78 -6.19 9.20
CA ASN B 42 -4.92 -6.10 10.12
C ASN B 42 -4.51 -5.41 11.42
N SER B 43 -3.33 -5.76 11.94
CA SER B 43 -2.79 -5.10 13.13
C SER B 43 -2.49 -3.64 12.85
N ILE B 44 -1.96 -3.34 11.66
CA ILE B 44 -1.69 -1.95 11.25
C ILE B 44 -3.00 -1.15 11.19
N ASP B 45 -4.06 -1.74 10.65
CA ASP B 45 -5.37 -1.09 10.65
C ASP B 45 -5.85 -0.77 12.08
N GLU B 46 -5.61 -1.70 13.00
CA GLU B 46 -6.01 -1.51 14.39
C GLU B 46 -5.18 -0.43 15.10
N ALA B 47 -3.92 -0.25 14.68
CA ALA B 47 -3.11 0.87 15.11
C ALA B 47 -3.66 2.18 14.54
N LEU B 48 -3.94 2.18 13.24
CA LEU B 48 -4.54 3.34 12.57
C LEU B 48 -5.90 3.74 13.19
N ALA B 49 -6.64 2.76 13.68
CA ALA B 49 -7.89 3.01 14.41
C ALA B 49 -7.66 3.66 15.79
N GLY B 50 -6.41 3.64 16.27
CA GLY B 50 -6.03 4.28 17.53
C GLY B 50 -5.98 3.36 18.73
N TYR B 51 -6.02 2.04 18.51
CA TYR B 51 -6.12 1.08 19.61
C TYR B 51 -4.87 0.25 19.87
N ALA B 52 -4.16 -0.15 18.81
CA ALA B 52 -2.92 -0.91 18.96
C ALA B 52 -1.74 0.03 18.84
N ASN B 53 -0.71 -0.20 19.66
CA ASN B 53 0.56 0.52 19.49
C ASN B 53 1.80 -0.39 19.53
N GLN B 54 1.56 -1.70 19.60
CA GLN B 54 2.63 -2.70 19.64
C GLN B 54 2.25 -3.89 18.79
N ILE B 55 3.12 -4.22 17.84
CA ILE B 55 2.89 -5.36 16.94
C ILE B 55 4.14 -6.23 16.96
N GLU B 56 3.97 -7.54 17.14
CA GLU B 56 5.10 -8.46 17.17
C GLU B 56 4.89 -9.57 16.15
N VAL B 57 5.93 -9.80 15.35
CA VAL B 57 5.94 -10.88 14.37
C VAL B 57 7.06 -11.85 14.72
N VAL B 58 6.71 -13.13 14.94
CA VAL B 58 7.70 -14.14 15.30
C VAL B 58 7.70 -15.24 14.24
N ILE B 59 8.89 -15.57 13.73
CA ILE B 59 9.04 -16.76 12.90
C ILE B 59 9.38 -17.88 13.88
N GLU B 60 8.44 -18.79 14.06
CA GLU B 60 8.56 -19.84 15.05
C GLU B 60 9.05 -21.13 14.42
N LYS B 61 9.35 -22.10 15.28
CA LYS B 61 9.73 -23.44 14.85
C LYS B 61 8.83 -23.96 13.73
N ASP B 62 9.44 -24.60 12.74
CA ASP B 62 8.74 -25.18 11.60
C ASP B 62 8.03 -24.14 10.72
N ASN B 63 8.53 -22.92 10.75
CA ASN B 63 7.99 -21.81 9.94
C ASN B 63 6.50 -21.57 10.13
N TRP B 64 6.07 -21.67 11.38
CA TRP B 64 4.87 -21.00 11.83
C TRP B 64 5.21 -19.53 11.93
N ILE B 65 4.21 -18.68 11.69
CA ILE B 65 4.31 -17.25 11.92
C ILE B 65 3.31 -16.91 13.03
N LYS B 66 3.76 -16.13 14.02
CA LYS B 66 2.87 -15.60 15.05
C LYS B 66 2.88 -14.07 14.95
N VAL B 67 1.68 -13.49 14.90
CA VAL B 67 1.52 -12.04 14.93
C VAL B 67 0.67 -11.67 16.14
N THR B 68 1.18 -10.76 16.97
CA THR B 68 0.48 -10.30 18.16
C THR B 68 0.39 -8.78 18.16
N ASP B 69 -0.80 -8.25 18.43
CA ASP B 69 -0.95 -6.82 18.69
C ASP B 69 -1.66 -6.60 20.02
N ASN B 70 -1.60 -5.38 20.52
CA ASN B 70 -2.29 -4.99 21.75
C ASN B 70 -3.52 -4.11 21.48
N GLY B 71 -4.21 -4.39 20.37
CA GLY B 71 -5.45 -3.70 20.04
C GLY B 71 -6.63 -4.24 20.84
N ARG B 72 -7.83 -4.05 20.31
CA ARG B 72 -9.07 -4.41 21.04
C ARG B 72 -9.32 -5.91 21.11
N GLY B 73 -8.71 -6.66 20.22
CA GLY B 73 -8.99 -8.07 20.07
C GLY B 73 -10.14 -8.24 19.10
N ILE B 74 -10.06 -9.25 18.22
CA ILE B 74 -11.13 -9.49 17.26
C ILE B 74 -12.42 -9.75 18.03
N PRO B 75 -13.54 -9.13 17.64
CA PRO B 75 -14.78 -9.33 18.37
C PRO B 75 -15.20 -10.81 18.43
N VAL B 76 -15.82 -11.20 19.55
CA VAL B 76 -16.23 -12.59 19.77
C VAL B 76 -17.74 -12.77 19.93
N ASP B 77 -18.50 -11.67 19.84
CA ASP B 77 -19.94 -11.72 20.05
C ASP B 77 -20.64 -12.61 19.03
N ILE B 78 -21.70 -13.27 19.48
CA ILE B 78 -22.41 -14.24 18.63
C ILE B 78 -23.28 -13.50 17.62
N GLN B 79 -23.04 -13.78 16.35
CA GLN B 79 -23.77 -13.13 15.25
C GLN B 79 -25.14 -13.77 15.06
N GLU B 80 -26.06 -13.02 14.46
CA GLU B 80 -27.44 -13.48 14.26
C GLU B 80 -27.51 -14.61 13.23
N GLY B 83 -25.39 -17.57 14.08
CA GLY B 83 -25.16 -18.04 15.45
C GLY B 83 -23.72 -18.33 15.78
N ARG B 84 -22.79 -17.78 14.99
CA ARG B 84 -21.36 -18.01 15.18
C ARG B 84 -20.68 -16.77 15.78
N PRO B 85 -19.58 -16.97 16.53
CA PRO B 85 -18.82 -15.83 17.01
C PRO B 85 -18.23 -15.01 15.85
N ALA B 86 -18.20 -13.69 16.00
CA ALA B 86 -17.68 -12.79 14.98
C ALA B 86 -16.28 -13.20 14.51
N VAL B 87 -15.42 -13.56 15.45
CA VAL B 87 -14.04 -13.97 15.12
C VAL B 87 -14.01 -15.18 14.17
N GLU B 88 -14.89 -16.16 14.38
CA GLU B 88 -15.00 -17.32 13.47
C GLU B 88 -15.48 -16.91 12.07
N VAL B 89 -16.50 -16.05 12.02
CA VAL B 89 -17.02 -15.56 10.74
C VAL B 89 -15.91 -14.84 9.97
N ILE B 90 -15.14 -14.01 10.69
CA ILE B 90 -14.03 -13.26 10.09
C ILE B 90 -12.93 -14.20 9.58
N LEU B 91 -12.47 -15.12 10.43
CA LEU B 91 -11.33 -15.97 10.08
C LEU B 91 -11.65 -17.10 9.08
N THR B 92 -12.90 -17.57 9.05
CA THR B 92 -13.31 -18.51 7.99
C THR B 92 -13.49 -17.85 6.60
N SER B 93 -13.32 -16.53 6.51
N SER B 93 -13.33 -16.53 6.54
CA SER B 93 -13.26 -15.83 5.23
CA SER B 93 -13.26 -15.79 5.26
C SER B 93 -11.86 -15.25 4.96
C SER B 93 -11.85 -15.30 4.94
N SER B 94 -10.91 -15.52 5.86
CA SER B 94 -9.52 -15.08 5.69
C SER B 94 -8.79 -15.92 4.65
N VAL B 95 -8.14 -15.26 3.70
CA VAL B 95 -7.34 -15.95 2.70
C VAL B 95 -6.14 -16.67 3.33
N VAL B 96 -5.50 -16.03 4.31
CA VAL B 96 -4.39 -16.65 5.03
C VAL B 96 -4.83 -17.94 5.73
N ASN B 97 -6.03 -17.93 6.30
CA ASN B 97 -6.57 -19.12 6.96
C ASN B 97 -6.81 -20.25 5.93
N ALA B 98 -7.42 -19.89 4.81
CA ALA B 98 -7.69 -20.84 3.73
C ALA B 98 -6.41 -21.49 3.22
N LEU B 99 -5.34 -20.70 3.16
CA LEU B 99 -4.07 -21.16 2.60
C LEU B 99 -3.08 -21.64 3.66
N SER B 100 -3.56 -21.87 4.88
CA SER B 100 -2.75 -22.39 5.98
C SER B 100 -3.20 -23.81 6.34
N GLN B 101 -2.25 -24.72 6.50
CA GLN B 101 -2.58 -26.07 6.94
C GLN B 101 -3.11 -26.08 8.38
N ASP B 102 -2.61 -25.17 9.21
CA ASP B 102 -3.14 -24.95 10.56
C ASP B 102 -3.10 -23.46 10.87
N LEU B 103 -4.12 -22.97 11.56
CA LEU B 103 -4.12 -21.60 12.07
C LEU B 103 -4.79 -21.58 13.43
N GLU B 104 -4.25 -20.77 14.34
CA GLU B 104 -4.76 -20.63 15.69
C GLU B 104 -4.94 -19.16 16.01
N VAL B 105 -6.00 -18.84 16.74
CA VAL B 105 -6.23 -17.48 17.20
C VAL B 105 -6.44 -17.48 18.70
N TYR B 106 -5.86 -16.50 19.37
CA TYR B 106 -6.15 -16.22 20.77
C TYR B 106 -6.54 -14.75 20.87
N VAL B 107 -7.79 -14.50 21.25
CA VAL B 107 -8.28 -13.13 21.43
C VAL B 107 -8.30 -12.80 22.92
N HIS B 108 -7.69 -11.67 23.26
CA HIS B 108 -7.73 -11.12 24.61
C HIS B 108 -8.75 -9.99 24.64
N ARG B 109 -9.88 -10.24 25.28
CA ARG B 109 -11.02 -9.32 25.24
C ARG B 109 -11.97 -9.69 26.38
N ASN B 110 -12.65 -8.70 26.95
CA ASN B 110 -13.56 -8.93 28.07
C ASN B 110 -12.88 -9.68 29.24
N GLU B 111 -11.61 -9.35 29.49
N GLU B 111 -11.62 -9.35 29.51
CA GLU B 111 -10.80 -9.98 30.54
CA GLU B 111 -10.81 -9.99 30.55
C GLU B 111 -10.71 -11.50 30.40
C GLU B 111 -10.68 -11.51 30.40
N THR B 112 -10.82 -11.99 29.17
CA THR B 112 -10.89 -13.43 28.88
C THR B 112 -10.02 -13.75 27.67
N ILE B 113 -9.46 -14.95 27.65
CA ILE B 113 -8.73 -15.43 26.51
C ILE B 113 -9.61 -16.41 25.76
N TYR B 114 -9.91 -16.11 24.50
CA TYR B 114 -10.75 -16.97 23.66
C TYR B 114 -9.85 -17.63 22.61
N HIS B 115 -10.12 -18.89 22.31
CA HIS B 115 -9.24 -19.67 21.44
C HIS B 115 -10.04 -20.52 20.44
N GLN B 116 -9.60 -20.51 19.19
CA GLN B 116 -10.13 -21.40 18.16
C GLN B 116 -8.95 -21.80 17.27
N ALA B 117 -9.03 -22.98 16.69
CA ALA B 117 -8.02 -23.48 15.76
C ALA B 117 -8.72 -23.95 14.48
N TYR B 118 -8.00 -23.84 13.36
CA TYR B 118 -8.54 -24.17 12.04
C TYR B 118 -7.53 -25.00 11.26
N LYS B 119 -8.03 -25.73 10.27
CA LYS B 119 -7.20 -26.45 9.29
C LYS B 119 -7.74 -26.17 7.89
N LYS B 120 -6.91 -25.57 7.04
CA LYS B 120 -7.33 -25.12 5.70
C LYS B 120 -8.59 -24.24 5.77
N GLY B 121 -8.66 -23.45 6.84
CA GLY B 121 -9.79 -22.55 7.09
C GLY B 121 -10.95 -23.15 7.88
N VAL B 122 -10.97 -24.47 8.04
CA VAL B 122 -12.09 -25.16 8.69
C VAL B 122 -11.92 -25.20 10.21
N PRO B 123 -12.89 -24.62 10.97
CA PRO B 123 -12.78 -24.68 12.43
C PRO B 123 -12.71 -26.13 12.94
N GLN B 124 -11.78 -26.38 13.86
CA GLN B 124 -11.60 -27.71 14.42
C GLN B 124 -12.43 -27.91 15.68
N PHE B 125 -12.78 -26.80 16.33
CA PHE B 125 -13.70 -26.82 17.45
C PHE B 125 -14.32 -25.44 17.64
N ASP B 126 -15.33 -25.33 18.48
CA ASP B 126 -15.99 -24.05 18.74
C ASP B 126 -15.06 -23.14 19.53
N LEU B 127 -15.14 -21.84 19.28
CA LEU B 127 -14.44 -20.85 20.09
C LEU B 127 -14.70 -21.12 21.57
N LYS B 128 -13.64 -21.12 22.38
CA LYS B 128 -13.77 -21.43 23.80
C LYS B 128 -12.88 -20.54 24.68
N GLU B 129 -13.30 -20.36 25.93
CA GLU B 129 -12.48 -19.64 26.90
C GLU B 129 -11.38 -20.55 27.43
N VAL B 130 -10.14 -20.06 27.37
CA VAL B 130 -9.00 -20.85 27.83
C VAL B 130 -8.15 -20.10 28.86
N GLY B 131 -8.68 -19.03 29.42
CA GLY B 131 -7.98 -18.29 30.48
C GLY B 131 -8.56 -16.91 30.78
N THR B 132 -7.93 -16.23 31.74
N THR B 132 -7.92 -16.23 31.74
CA THR B 132 -8.29 -14.85 32.06
CA THR B 132 -8.27 -14.87 32.12
C THR B 132 -7.09 -13.98 31.74
C THR B 132 -7.09 -13.98 31.74
N THR B 133 -7.36 -12.70 31.49
CA THR B 133 -6.32 -11.77 31.08
C THR B 133 -6.64 -10.36 31.57
N ASP B 134 -5.59 -9.55 31.74
CA ASP B 134 -5.74 -8.13 32.07
C ASP B 134 -5.35 -7.24 30.88
N LYS B 135 -5.13 -7.87 29.73
CA LYS B 135 -4.70 -7.18 28.51
C LYS B 135 -5.75 -7.36 27.42
N THR B 136 -5.64 -6.55 26.37
CA THR B 136 -6.47 -6.76 25.18
C THR B 136 -5.59 -6.91 23.95
N GLY B 137 -6.07 -7.63 22.95
CA GLY B 137 -5.31 -7.82 21.73
C GLY B 137 -5.60 -9.12 21.03
N THR B 138 -4.94 -9.32 19.90
CA THR B 138 -5.12 -10.52 19.10
C THR B 138 -3.77 -11.20 18.91
N VAL B 139 -3.77 -12.52 19.04
CA VAL B 139 -2.63 -13.36 18.67
C VAL B 139 -3.10 -14.31 17.58
N ILE B 140 -2.40 -14.29 16.45
CA ILE B 140 -2.65 -15.21 15.34
C ILE B 140 -1.37 -16.01 15.06
N ARG B 141 -1.50 -17.34 15.00
CA ARG B 141 -0.41 -18.24 14.61
C ARG B 141 -0.86 -19.06 13.42
N PHE B 142 -0.05 -19.14 12.37
CA PHE B 142 -0.40 -19.95 11.20
C PHE B 142 0.82 -20.61 10.55
N LYS B 143 0.57 -21.78 9.98
CA LYS B 143 1.58 -22.49 9.21
C LYS B 143 1.07 -22.64 7.78
N ALA B 144 1.80 -22.03 6.84
CA ALA B 144 1.46 -22.09 5.42
C ALA B 144 1.30 -23.53 4.94
N ASP B 145 0.34 -23.74 4.04
CA ASP B 145 0.05 -25.07 3.53
C ASP B 145 1.05 -25.46 2.45
N GLY B 146 1.89 -26.45 2.76
CA GLY B 146 2.88 -26.97 1.83
C GLY B 146 2.32 -27.51 0.52
N GLU B 147 1.04 -27.92 0.52
CA GLU B 147 0.37 -28.36 -0.69
C GLU B 147 0.13 -27.19 -1.66
N ILE B 148 0.02 -25.98 -1.12
CA ILE B 148 -0.19 -24.77 -1.92
C ILE B 148 1.15 -24.14 -2.26
N PHE B 149 1.98 -23.94 -1.23
CA PHE B 149 3.29 -23.33 -1.38
C PHE B 149 4.34 -24.43 -1.54
N THR B 150 4.48 -24.89 -2.78
CA THR B 150 5.27 -26.07 -3.09
C THR B 150 6.75 -25.76 -3.32
N GLU B 151 7.06 -24.55 -3.78
CA GLU B 151 8.46 -24.15 -4.01
C GLU B 151 9.20 -24.02 -2.69
N THR B 152 8.61 -23.29 -1.76
CA THR B 152 9.18 -23.16 -0.41
C THR B 152 8.15 -22.71 0.63
N THR B 153 8.36 -23.17 1.85
CA THR B 153 7.60 -22.70 3.01
C THR B 153 8.53 -22.10 4.07
N VAL B 154 9.76 -21.78 3.65
CA VAL B 154 10.78 -21.21 4.53
C VAL B 154 10.82 -19.71 4.36
N TYR B 155 10.63 -18.99 5.46
CA TYR B 155 10.65 -17.52 5.44
C TYR B 155 12.07 -17.00 5.47
N ASN B 156 12.27 -15.86 4.84
CA ASN B 156 13.54 -15.16 4.83
C ASN B 156 13.49 -13.98 5.78
N TYR B 157 14.37 -13.98 6.79
CA TYR B 157 14.36 -12.95 7.81
C TYR B 157 14.52 -11.54 7.23
N GLU B 158 15.45 -11.37 6.29
CA GLU B 158 15.77 -10.06 5.74
C GLU B 158 14.60 -9.47 4.94
N THR B 159 13.89 -10.33 4.23
CA THR B 159 12.69 -9.92 3.50
C THR B 159 11.66 -9.36 4.47
N LEU B 160 11.44 -10.08 5.58
CA LEU B 160 10.49 -9.65 6.60
C LEU B 160 10.99 -8.39 7.31
N GLN B 161 12.28 -8.37 7.61
CA GLN B 161 12.89 -7.24 8.31
C GLN B 161 12.74 -5.93 7.54
N GLN B 162 13.06 -5.96 6.25
CA GLN B 162 12.98 -4.75 5.43
C GLN B 162 11.58 -4.14 5.42
N ARG B 163 10.56 -4.97 5.25
N ARG B 163 10.55 -4.98 5.25
CA ARG B 163 9.18 -4.50 5.18
CA ARG B 163 9.17 -4.51 5.19
C ARG B 163 8.66 -4.02 6.54
C ARG B 163 8.68 -4.01 6.54
N ILE B 164 9.01 -4.73 7.60
CA ILE B 164 8.63 -4.32 8.96
C ILE B 164 9.24 -2.96 9.35
N ARG B 165 10.48 -2.71 8.94
CA ARG B 165 11.10 -1.39 9.14
C ARG B 165 10.35 -0.30 8.36
N GLU B 166 10.02 -0.58 7.10
CA GLU B 166 9.21 0.33 6.27
C GLU B 166 7.85 0.60 6.91
N LEU B 167 7.20 -0.45 7.42
CA LEU B 167 5.90 -0.30 8.07
C LEU B 167 6.01 0.56 9.33
N ALA B 168 7.06 0.34 10.11
CA ALA B 168 7.31 1.12 11.33
C ALA B 168 7.53 2.60 11.01
N PHE B 169 8.27 2.85 9.93
CA PHE B 169 8.53 4.22 9.50
C PHE B 169 7.27 4.93 8.99
N LEU B 170 6.38 4.18 8.36
CA LEU B 170 5.07 4.70 7.93
C LEU B 170 4.13 4.96 9.09
N ASN B 171 4.29 4.20 10.18
CA ASN B 171 3.42 4.28 11.35
C ASN B 171 4.23 4.63 12.59
N LYS B 172 4.73 5.85 12.63
CA LYS B 172 5.63 6.28 13.70
C LYS B 172 4.89 6.19 15.04
N GLY B 173 5.62 5.83 16.09
CA GLY B 173 5.01 5.61 17.41
C GLY B 173 4.50 4.20 17.63
N ILE B 174 4.32 3.44 16.56
CA ILE B 174 3.93 2.03 16.67
C ILE B 174 5.21 1.20 16.73
N GLN B 175 5.36 0.41 17.80
CA GLN B 175 6.52 -0.46 17.98
C GLN B 175 6.26 -1.77 17.25
N ILE B 176 7.14 -2.12 16.31
CA ILE B 176 6.99 -3.33 15.52
C ILE B 176 8.26 -4.17 15.65
N THR B 177 8.11 -5.38 16.19
CA THR B 177 9.23 -6.24 16.52
C THR B 177 9.17 -7.48 15.65
N LEU B 178 10.33 -7.88 15.12
CA LEU B 178 10.49 -9.12 14.38
C LEU B 178 11.47 -10.01 15.13
N ARG B 179 11.13 -11.28 15.28
CA ARG B 179 11.99 -12.24 15.98
C ARG B 179 12.01 -13.57 15.25
N ASP B 180 13.19 -14.16 15.12
CA ASP B 180 13.37 -15.48 14.54
C ASP B 180 13.68 -16.47 15.66
N GLU B 181 12.77 -17.42 15.88
CA GLU B 181 12.93 -18.44 16.92
C GLU B 181 13.15 -19.84 16.33
N ARG B 182 13.37 -19.93 15.02
CA ARG B 182 13.52 -21.21 14.34
C ARG B 182 14.78 -21.95 14.75
N ASP B 183 15.82 -21.20 15.09
CA ASP B 183 17.05 -21.75 15.66
C ASP B 183 17.01 -21.39 17.14
N GLU B 184 16.50 -22.30 17.96
CA GLU B 184 16.26 -22.00 19.39
C GLU B 184 17.52 -21.63 20.19
N GLU B 185 18.68 -22.12 19.78
CA GLU B 185 19.94 -21.78 20.47
C GLU B 185 20.55 -20.44 20.03
N ASN B 186 20.02 -19.86 18.95
CA ASN B 186 20.55 -18.62 18.39
C ASN B 186 19.38 -17.75 17.93
N VAL B 187 18.76 -17.05 18.88
CA VAL B 187 17.53 -16.30 18.63
C VAL B 187 17.87 -14.86 18.32
N ARG B 188 17.22 -14.30 17.29
CA ARG B 188 17.57 -12.96 16.86
C ARG B 188 16.33 -12.08 16.71
N GLU B 189 16.46 -10.81 17.09
CA GLU B 189 15.33 -9.90 17.15
C GLU B 189 15.74 -8.48 16.73
N ASP B 190 14.86 -7.84 15.97
CA ASP B 190 14.96 -6.42 15.66
C ASP B 190 13.64 -5.76 16.05
N SER B 191 13.72 -4.63 16.74
CA SER B 191 12.53 -3.87 17.14
C SER B 191 12.64 -2.45 16.65
N TYR B 192 11.60 -2.00 15.96
CA TYR B 192 11.55 -0.67 15.36
C TYR B 192 10.48 0.15 16.03
N HIS B 193 10.82 1.40 16.36
CA HIS B 193 9.93 2.29 17.09
C HIS B 193 10.34 3.72 16.79
N TYR B 194 9.86 4.24 15.67
CA TYR B 194 10.21 5.59 15.25
C TYR B 194 9.42 6.66 16.00
N GLU B 195 10.09 7.76 16.31
CA GLU B 195 9.49 8.88 17.04
C GLU B 195 8.46 9.59 16.18
C1 08B C . 0.84 16.56 -7.57
C2 08B C . -0.56 17.05 -7.33
C3 08B C . -1.68 16.63 -7.98
C4 08B C . -2.78 17.32 -7.44
C5 08B C . -2.27 18.15 -6.46
N6 08B C . -0.91 17.97 -6.39
C8 08B C . -3.02 19.06 -5.60
O9 08B C . -2.41 19.70 -4.76
N10 08B C . -4.36 19.15 -5.75
C11 08B C . -5.14 20.02 -4.85
C12 08B C . -6.50 20.38 -5.49
C13 08B C . -7.36 21.11 -4.44
N14 08B C . -7.52 20.18 -3.30
C15 08B C . -6.27 19.94 -2.59
C16 08B C . -5.31 19.23 -3.55
C17 08B C . -8.65 20.31 -2.49
C18 08B C . -9.94 20.09 -3.00
C19 08B C . -11.01 20.22 -2.13
C20 08B C . -10.77 20.53 -0.79
C21 08B C . -9.47 20.71 -0.35
N22 08B C . -8.47 20.59 -1.20
N23 08B C . -10.18 19.78 -4.31
O24 08B C . -11.06 20.34 -4.92
O25 08B C . -9.53 18.93 -4.88
BR 08B C . -1.75 15.36 -9.38
MG MG D . 9.19 29.92 -0.44
MG MG E . -7.64 5.74 10.38
C1 08B F . -3.61 -9.92 14.03
C2 08B F . -4.98 -9.31 13.89
C3 08B F . -5.98 -9.77 13.09
C4 08B F . -7.08 -8.92 13.23
C5 08B F . -6.70 -7.95 14.14
N6 08B F . -5.42 -8.19 14.53
C8 08B F . -7.52 -6.83 14.62
O9 08B F . -7.02 -6.04 15.40
N10 08B F . -8.80 -6.70 14.19
C11 08B F . -9.63 -5.58 14.67
C12 08B F . -10.75 -5.28 13.66
C13 08B F . -11.76 -4.30 14.27
N14 08B F . -12.32 -4.93 15.48
C15 08B F . -11.27 -4.99 16.51
C16 08B F . -10.18 -5.96 16.06
C17 08B F . -13.54 -4.41 15.92
C18 08B F . -14.70 -4.48 15.13
C19 08B F . -15.89 -3.95 15.61
C20 08B F . -15.89 -3.37 16.88
C21 08B F . -14.72 -3.34 17.60
N22 08B F . -13.60 -3.85 17.13
N23 08B F . -14.72 -5.06 13.89
O24 08B F . -15.06 -4.41 12.91
O25 08B F . -14.40 -6.23 13.76
BR 08B F . -5.92 -11.28 11.95
MG MG G . -7.37 -7.50 6.09
MG MG H . 4.55 3.81 20.87
#